data_7LAZ
#
_entry.id   7LAZ
#
_cell.length_a   81.903
_cell.length_b   81.903
_cell.length_c   120.242
_cell.angle_alpha   90.000
_cell.angle_beta   90.000
_cell.angle_gamma   90.000
#
_symmetry.space_group_name_H-M   'P 41 21 2'
#
loop_
_entity.id
_entity.type
_entity.pdbx_description
1 polymer 'Bromodomain-containing protein 3'
2 non-polymer 11-cyclopentyl-2-({2-ethoxy-4-[4-(4-methylpiperazin-1-yl)piperidine-1-carbonyl]phenyl}amino)-5-methyl-5,11-dihydro-6H-pyrimido[4,5-b][1,4]benzodiazepin-6-one
3 water water
#
_entity_poly.entity_id   1
_entity_poly.type   'polypeptide(L)'
_entity_poly.pdbx_seq_one_letter_code
;SMPEVSNPSKPGRKTNQLQYMQNVVVKTLWKHQFAWPFYQPVDAIKLNLPDYHKIIKNPMDMGTIKKRLENNYYWSASEC
MQDFNTMFTNCYIYNKPTDDIVLMAQALEKIFLQKVAQMPQEE
;
_entity_poly.pdbx_strand_id   A,B
#
loop_
_chem_comp.id
_chem_comp.type
_chem_comp.name
_chem_comp.formula
VYJ non-polymer 11-cyclopentyl-2-({2-ethoxy-4-[4-(4-methylpiperazin-1-yl)piperidine-1-carbonyl]phenyl}amino)-5-methyl-5,11-dihydro-6H-pyrimido[4,5-b][1,4]benzodiazepin-6-one 'C36 H46 N8 O3'
#
# COMPACT_ATOMS: atom_id res chain seq x y z
N GLU A 4 -1.60 22.52 1.70
CA GLU A 4 -0.66 21.39 1.70
C GLU A 4 -0.36 20.85 3.09
N VAL A 5 0.05 21.70 4.04
CA VAL A 5 0.21 21.24 5.44
C VAL A 5 -0.76 21.93 6.39
N SER A 6 -1.61 22.83 5.89
CA SER A 6 -2.68 23.40 6.71
C SER A 6 -3.63 24.14 5.79
N ASN A 7 -4.89 24.14 6.17
CA ASN A 7 -5.96 24.72 5.37
C ASN A 7 -6.99 25.27 6.34
N PRO A 8 -7.30 26.58 6.25
CA PRO A 8 -8.24 27.17 7.22
C PRO A 8 -9.67 26.66 7.08
N SER A 9 -10.09 26.29 5.87
CA SER A 9 -11.43 25.77 5.65
C SER A 9 -11.55 24.27 5.90
N LYS A 10 -10.43 23.54 6.02
CA LYS A 10 -10.50 22.08 6.17
C LYS A 10 -10.63 21.71 7.63
N PRO A 11 -11.68 21.00 8.03
CA PRO A 11 -11.74 20.53 9.41
C PRO A 11 -10.64 19.50 9.67
N GLY A 12 -9.96 19.66 10.81
CA GLY A 12 -8.97 18.69 11.24
C GLY A 12 -9.06 18.52 12.74
N ARG A 13 -8.49 17.43 13.23
CA ARG A 13 -8.57 17.09 14.64
C ARG A 13 -7.45 16.10 14.97
N LYS A 14 -7.33 15.73 16.25
CA LYS A 14 -6.46 14.64 16.65
C LYS A 14 -7.29 13.56 17.34
N THR A 15 -7.28 12.37 16.77
CA THR A 15 -7.93 11.18 17.32
C THR A 15 -6.89 10.23 17.89
N ASN A 16 -7.39 9.26 18.67
CA ASN A 16 -6.54 8.19 19.17
C ASN A 16 -5.73 7.57 18.04
N GLN A 17 -6.37 7.30 16.90
CA GLN A 17 -5.69 6.72 15.75
C GLN A 17 -4.66 7.67 15.16
N LEU A 18 -5.01 8.96 15.03
CA LEU A 18 -4.06 9.93 14.48
C LEU A 18 -2.83 10.06 15.36
N GLN A 19 -2.99 9.91 16.68
CA GLN A 19 -1.84 9.90 17.58
C GLN A 19 -0.95 8.69 17.31
N TYR A 20 -1.57 7.55 17.01
CA TYR A 20 -0.81 6.36 16.67
C TYR A 20 -0.08 6.53 15.33
N MET A 21 -0.72 7.17 14.34
CA MET A 21 0.00 7.43 13.09
C MET A 21 1.28 8.23 13.35
N GLN A 22 1.25 9.16 14.31
CA GLN A 22 2.37 10.07 14.54
C GLN A 22 3.45 9.45 15.43
N ASN A 23 3.03 8.85 16.53
CA ASN A 23 3.93 8.34 17.55
C ASN A 23 4.40 6.91 17.29
N VAL A 24 3.68 6.13 16.49
CA VAL A 24 4.11 4.77 16.15
C VAL A 24 4.51 4.67 14.67
N VAL A 25 3.64 5.08 13.75
CA VAL A 25 3.90 4.82 12.34
C VAL A 25 5.00 5.74 11.82
N VAL A 26 4.75 7.05 11.80
CA VAL A 26 5.72 8.02 11.24
C VAL A 26 7.06 7.87 11.93
N LYS A 27 7.03 7.61 13.22
CA LYS A 27 8.23 7.61 14.04
C LYS A 27 9.04 6.32 13.88
N THR A 28 8.39 5.18 13.73
CA THR A 28 9.11 3.96 13.38
C THR A 28 9.75 4.09 12.00
N LEU A 29 8.99 4.58 11.01
CA LEU A 29 9.53 4.68 9.66
C LEU A 29 10.64 5.73 9.55
N TRP A 30 10.50 6.87 10.24
CA TRP A 30 11.51 7.92 10.13
C TRP A 30 12.89 7.43 10.55
N LYS A 31 12.95 6.39 11.35
CA LYS A 31 14.18 5.86 11.92
C LYS A 31 14.77 4.72 11.10
N HIS A 32 14.04 4.20 10.11
CA HIS A 32 14.61 3.26 9.15
C HIS A 32 15.73 3.92 8.36
N GLN A 33 16.81 3.17 8.16
CA GLN A 33 17.99 3.65 7.43
C GLN A 33 17.74 3.89 5.94
N PHE A 34 16.63 3.41 5.38
CA PHE A 34 16.25 3.69 4.01
C PHE A 34 15.23 4.82 3.90
N ALA A 35 14.85 5.43 5.03
CA ALA A 35 13.77 6.41 5.01
C ALA A 35 14.21 7.76 4.46
N TRP A 36 15.50 8.08 4.54
CA TRP A 36 15.94 9.45 4.28
C TRP A 36 15.44 10.06 2.97
N PRO A 37 15.28 9.34 1.83
CA PRO A 37 14.79 10.04 0.63
C PRO A 37 13.40 10.61 0.79
N PHE A 38 12.64 10.14 1.77
CA PHE A 38 11.26 10.54 1.95
C PHE A 38 11.07 11.60 3.04
N TYR A 39 12.16 12.15 3.58
CA TYR A 39 12.00 13.21 4.56
C TYR A 39 11.52 14.50 3.92
N GLN A 40 11.74 14.68 2.64
CA GLN A 40 11.50 15.95 1.96
C GLN A 40 10.92 15.67 0.58
N PRO A 41 10.17 16.62 0.01
CA PRO A 41 9.61 16.42 -1.34
C PRO A 41 10.67 16.11 -2.39
N VAL A 42 10.31 15.25 -3.35
CA VAL A 42 11.15 15.01 -4.51
C VAL A 42 11.53 16.34 -5.15
N ASP A 43 12.81 16.63 -5.22
CA ASP A 43 13.33 17.85 -5.82
C ASP A 43 13.74 17.53 -7.24
N ALA A 44 12.84 17.81 -8.21
CA ALA A 44 13.13 17.52 -9.62
C ALA A 44 14.24 18.38 -10.20
N ILE A 45 14.65 19.45 -9.54
CA ILE A 45 15.82 20.21 -9.98
C ILE A 45 17.10 19.49 -9.58
N LYS A 46 17.29 19.28 -8.27
CA LYS A 46 18.49 18.62 -7.77
C LYS A 46 18.71 17.27 -8.44
N LEU A 47 17.65 16.45 -8.50
CA LEU A 47 17.76 15.10 -9.06
C LEU A 47 17.65 15.06 -10.58
N ASN A 48 17.45 16.20 -11.24
CA ASN A 48 17.36 16.27 -12.71
C ASN A 48 16.27 15.33 -13.25
N LEU A 49 15.02 15.75 -13.03
CA LEU A 49 13.86 14.95 -13.39
C LEU A 49 12.87 15.84 -14.14
N PRO A 50 13.14 16.14 -15.40
CA PRO A 50 12.28 17.11 -16.11
C PRO A 50 10.83 16.65 -16.21
N ASP A 51 10.59 15.35 -16.22
CA ASP A 51 9.23 14.89 -16.43
CA ASP A 51 9.30 14.73 -16.45
C ASP A 51 8.59 14.29 -15.18
N TYR A 52 9.21 14.44 -14.01
CA TYR A 52 8.63 13.87 -12.78
C TYR A 52 7.23 14.42 -12.52
N HIS A 53 7.07 15.74 -12.58
CA HIS A 53 5.76 16.32 -12.28
C HIS A 53 4.78 16.15 -13.43
N LYS A 54 5.21 15.65 -14.58
CA LYS A 54 4.28 15.26 -15.62
C LYS A 54 3.73 13.86 -15.36
N ILE A 55 4.53 12.98 -14.81
CA ILE A 55 4.08 11.62 -14.50
C ILE A 55 3.45 11.54 -13.12
N ILE A 56 4.03 12.20 -12.12
CA ILE A 56 3.51 12.19 -10.76
C ILE A 56 2.67 13.43 -10.56
N LYS A 57 1.35 13.26 -10.47
CA LYS A 57 0.46 14.41 -10.36
C LYS A 57 0.33 14.91 -8.93
N ASN A 58 0.45 14.03 -7.94
CA ASN A 58 0.31 14.43 -6.54
C ASN A 58 1.52 13.97 -5.75
N PRO A 59 2.57 14.79 -5.68
CA PRO A 59 3.74 14.44 -4.88
C PRO A 59 3.36 14.30 -3.41
N MET A 60 4.04 13.38 -2.72
CA MET A 60 3.88 13.26 -1.28
C MET A 60 5.17 12.73 -0.67
N ASP A 61 5.44 13.16 0.58
CA ASP A 61 6.63 12.74 1.31
C ASP A 61 6.30 12.70 2.80
N MET A 62 7.21 12.10 3.58
CA MET A 62 6.99 11.94 5.02
C MET A 62 7.12 13.25 5.78
N GLY A 63 7.96 14.17 5.29
CA GLY A 63 8.03 15.47 5.94
C GLY A 63 6.69 16.18 5.93
N THR A 64 6.01 16.17 4.78
CA THR A 64 4.69 16.75 4.68
C THR A 64 3.70 16.05 5.60
N ILE A 65 3.72 14.72 5.61
CA ILE A 65 2.81 13.96 6.46
C ILE A 65 3.03 14.31 7.92
N LYS A 66 4.28 14.22 8.38
CA LYS A 66 4.66 14.59 9.73
C LYS A 66 4.15 15.97 10.07
N LYS A 67 4.35 16.93 9.17
CA LYS A 67 3.90 18.28 9.42
C LYS A 67 2.38 18.35 9.48
N ARG A 68 1.70 17.62 8.59
CA ARG A 68 0.24 17.55 8.63
C ARG A 68 -0.23 17.00 9.97
N LEU A 69 0.46 15.98 10.49
CA LEU A 69 0.07 15.44 11.79
C LEU A 69 0.26 16.46 12.91
N GLU A 70 1.39 17.16 12.90
CA GLU A 70 1.64 18.13 13.96
C GLU A 70 0.62 19.27 13.92
N ASN A 71 0.05 19.55 12.76
CA ASN A 71 -0.91 20.65 12.61
C ASN A 71 -2.36 20.21 12.76
N ASN A 72 -2.62 18.94 13.05
CA ASN A 72 -3.99 18.40 13.06
C ASN A 72 -4.65 18.68 11.72
N TYR A 73 -3.91 18.49 10.64
CA TYR A 73 -4.45 18.71 9.31
C TYR A 73 -5.54 17.70 9.00
N TYR A 74 -5.36 16.46 9.43
CA TYR A 74 -6.24 15.37 9.05
C TYR A 74 -7.48 15.32 9.92
N TRP A 75 -8.55 14.74 9.37
CA TRP A 75 -9.75 14.41 10.13
C TRP A 75 -9.72 13.01 10.71
N SER A 76 -9.09 12.07 10.02
CA SER A 76 -9.06 10.68 10.46
C SER A 76 -7.74 10.06 10.04
N ALA A 77 -7.41 8.90 10.61
CA ALA A 77 -6.13 8.28 10.30
C ALA A 77 -6.10 7.65 8.90
N SER A 78 -7.26 7.21 8.38
CA SER A 78 -7.24 6.62 7.05
C SER A 78 -6.84 7.64 6.00
N GLU A 79 -7.21 8.91 6.23
CA GLU A 79 -6.73 9.99 5.40
C GLU A 79 -5.21 10.06 5.42
N CYS A 80 -4.62 9.86 6.59
CA CYS A 80 -3.18 9.90 6.70
C CYS A 80 -2.55 8.68 6.03
N MET A 81 -3.21 7.51 6.14
CA MET A 81 -2.72 6.32 5.45
C MET A 81 -2.72 6.53 3.94
N GLN A 82 -3.75 7.22 3.40
CA GLN A 82 -3.78 7.47 1.96
C GLN A 82 -2.57 8.26 1.51
N ASP A 83 -2.10 9.19 2.35
CA ASP A 83 -0.92 9.96 2.00
C ASP A 83 0.32 9.07 1.90
N PHE A 84 0.49 8.15 2.85
CA PHE A 84 1.59 7.21 2.75
C PHE A 84 1.50 6.39 1.47
N ASN A 85 0.31 5.92 1.14
CA ASN A 85 0.13 5.13 -0.07
C ASN A 85 0.49 5.95 -1.31
N THR A 86 0.05 7.21 -1.36
CA THR A 86 0.44 8.08 -2.47
C THR A 86 1.95 8.17 -2.58
N MET A 87 2.63 8.33 -1.45
CA MET A 87 4.07 8.51 -1.45
C MET A 87 4.80 7.27 -1.97
N PHE A 88 4.38 6.08 -1.54
CA PHE A 88 4.99 4.86 -2.04
C PHE A 88 4.59 4.60 -3.50
N THR A 89 3.30 4.77 -3.80
CA THR A 89 2.80 4.47 -5.13
C THR A 89 3.47 5.33 -6.19
N ASN A 90 3.59 6.64 -5.93
CA ASN A 90 4.36 7.54 -6.79
C ASN A 90 5.73 6.96 -7.10
N CYS A 91 6.36 6.36 -6.09
CA CYS A 91 7.70 5.81 -6.25
C CYS A 91 7.71 4.64 -7.23
N TYR A 92 6.78 3.70 -7.08
CA TYR A 92 6.65 2.59 -8.02
C TYR A 92 6.29 3.07 -9.42
N ILE A 93 5.46 4.11 -9.51
CA ILE A 93 4.98 4.60 -10.81
C ILE A 93 6.11 5.26 -11.58
N TYR A 94 6.86 6.17 -10.92
CA TYR A 94 7.83 6.97 -11.67
C TYR A 94 9.07 6.17 -12.06
N ASN A 95 9.59 5.33 -11.15
CA ASN A 95 10.92 4.76 -11.30
C ASN A 95 10.86 3.41 -12.02
N LYS A 96 12.03 2.90 -12.35
CA LYS A 96 12.10 1.61 -13.03
C LYS A 96 12.04 0.47 -12.03
N PRO A 97 11.61 -0.72 -12.47
CA PRO A 97 11.35 -1.81 -11.51
C PRO A 97 12.52 -2.15 -10.61
N THR A 98 13.76 -2.04 -11.09
CA THR A 98 14.93 -2.45 -10.31
C THR A 98 15.67 -1.28 -9.68
N ASP A 99 15.14 -0.06 -9.77
CA ASP A 99 15.81 1.08 -9.13
C ASP A 99 15.88 0.87 -7.61
N ASP A 100 16.96 1.37 -7.02
CA ASP A 100 17.15 1.27 -5.57
C ASP A 100 15.96 1.82 -4.79
N ILE A 101 15.40 2.95 -5.22
CA ILE A 101 14.39 3.62 -4.42
C ILE A 101 13.12 2.77 -4.34
N VAL A 102 12.84 1.99 -5.41
CA VAL A 102 11.73 1.03 -5.37
C VAL A 102 11.92 0.03 -4.23
N LEU A 103 13.11 -0.57 -4.16
CA LEU A 103 13.34 -1.54 -3.09
C LEU A 103 13.35 -0.88 -1.72
N MET A 104 13.75 0.40 -1.62
CA MET A 104 13.67 1.09 -0.34
C MET A 104 12.23 1.38 0.05
N ALA A 105 11.40 1.78 -0.92
CA ALA A 105 9.99 2.05 -0.64
C ALA A 105 9.25 0.79 -0.21
N GLN A 106 9.58 -0.35 -0.84
CA GLN A 106 8.94 -1.60 -0.48
C GLN A 106 9.24 -2.01 0.95
N ALA A 107 10.49 -1.89 1.38
CA ALA A 107 10.82 -2.21 2.75
C ALA A 107 10.08 -1.31 3.73
N LEU A 108 10.06 0.01 3.46
CA LEU A 108 9.31 0.92 4.32
C LEU A 108 7.81 0.61 4.29
N GLU A 109 7.26 0.33 3.10
CA GLU A 109 5.83 0.05 2.98
C GLU A 109 5.42 -1.16 3.80
N LYS A 110 6.27 -2.20 3.81
CA LYS A 110 5.97 -3.39 4.60
C LYS A 110 5.83 -3.03 6.08
N ILE A 111 6.73 -2.18 6.59
CA ILE A 111 6.66 -1.80 7.99
C ILE A 111 5.43 -0.94 8.24
N PHE A 112 5.13 -0.03 7.30
CA PHE A 112 3.90 0.76 7.35
C PHE A 112 2.70 -0.13 7.64
N LEU A 113 2.54 -1.20 6.86
CA LEU A 113 1.37 -2.06 7.01
C LEU A 113 1.39 -2.85 8.32
N GLN A 114 2.57 -3.36 8.72
CA GLN A 114 2.62 -4.08 9.98
C GLN A 114 2.19 -3.19 11.13
N LYS A 115 2.55 -1.90 11.09
CA LYS A 115 2.21 -0.99 12.17
C LYS A 115 0.73 -0.64 12.12
N VAL A 116 0.24 -0.36 10.92
CA VAL A 116 -1.15 -0.02 10.69
C VAL A 116 -2.06 -1.18 11.09
N ALA A 117 -1.59 -2.41 10.87
CA ALA A 117 -2.35 -3.60 11.23
C ALA A 117 -2.61 -3.71 12.72
N GLN A 118 -1.87 -2.96 13.54
CA GLN A 118 -2.04 -2.96 14.99
C GLN A 118 -2.67 -1.66 15.49
N MET A 119 -3.12 -0.80 14.60
CA MET A 119 -3.75 0.44 15.01
C MET A 119 -5.08 0.14 15.70
N PRO A 120 -5.42 0.86 16.76
CA PRO A 120 -6.65 0.58 17.49
C PRO A 120 -7.91 1.11 16.79
N GLN A 121 -9.02 0.41 17.07
CA GLN A 121 -10.46 0.74 16.83
C GLN A 121 -11.10 -0.27 15.87
N GLU B 4 1.57 -22.73 -2.38
CA GLU B 4 1.13 -21.42 -2.79
C GLU B 4 -0.20 -21.07 -2.11
N VAL B 5 -1.09 -22.04 -1.94
CA VAL B 5 -2.31 -21.84 -1.16
C VAL B 5 -2.42 -22.78 0.03
N SER B 6 -1.50 -23.73 0.19
CA SER B 6 -1.58 -24.69 1.28
C SER B 6 -0.18 -25.23 1.54
N ASN B 7 0.24 -25.22 2.80
CA ASN B 7 1.56 -25.66 3.19
C ASN B 7 1.49 -26.28 4.58
N PRO B 8 1.70 -27.59 4.70
CA PRO B 8 1.58 -28.22 6.02
C PRO B 8 2.69 -27.81 6.98
N SER B 9 3.92 -27.65 6.50
CA SER B 9 5.02 -27.22 7.37
C SER B 9 4.85 -25.77 7.81
N LYS B 10 3.99 -25.00 7.15
CA LYS B 10 3.77 -23.61 7.53
C LYS B 10 2.65 -23.56 8.56
N PRO B 11 2.89 -23.00 9.75
CA PRO B 11 1.81 -22.87 10.72
C PRO B 11 0.95 -21.65 10.39
N GLY B 12 -0.35 -21.80 10.62
CA GLY B 12 -1.29 -20.74 10.42
C GLY B 12 -2.24 -20.69 11.59
N ARG B 13 -2.93 -19.56 11.73
CA ARG B 13 -3.78 -19.34 12.89
C ARG B 13 -5.18 -18.91 12.43
N LYS B 14 -6.06 -18.83 13.41
CA LYS B 14 -7.43 -18.38 13.19
C LYS B 14 -7.68 -17.29 14.22
N THR B 15 -7.87 -16.07 13.74
CA THR B 15 -8.05 -14.91 14.61
C THR B 15 -9.24 -14.09 14.11
N ASN B 16 -9.79 -13.28 15.01
CA ASN B 16 -10.88 -12.39 14.62
C ASN B 16 -10.46 -11.48 13.47
N GLN B 17 -9.18 -11.08 13.46
CA GLN B 17 -8.68 -10.21 12.41
C GLN B 17 -8.71 -10.92 11.05
N LEU B 18 -8.26 -12.17 11.02
CA LEU B 18 -8.30 -12.93 9.77
C LEU B 18 -9.73 -13.16 9.31
N GLN B 19 -10.68 -13.33 10.24
CA GLN B 19 -12.08 -13.41 9.83
C GLN B 19 -12.55 -12.09 9.22
N TYR B 20 -12.09 -10.96 9.76
CA TYR B 20 -12.36 -9.66 9.13
C TYR B 20 -11.82 -9.62 7.71
N MET B 21 -10.58 -10.07 7.52
CA MET B 21 -9.99 -10.09 6.18
C MET B 21 -10.83 -10.91 5.20
N GLN B 22 -11.38 -12.03 5.66
CA GLN B 22 -12.13 -12.91 4.76
C GLN B 22 -13.54 -12.39 4.51
N ASN B 23 -14.26 -12.06 5.58
CA ASN B 23 -15.68 -11.72 5.49
C ASN B 23 -15.94 -10.23 5.23
N VAL B 24 -14.95 -9.36 5.37
CA VAL B 24 -15.17 -7.94 5.13
C VAL B 24 -14.27 -7.45 3.99
N VAL B 25 -12.95 -7.59 4.16
CA VAL B 25 -12.02 -7.05 3.16
C VAL B 25 -12.16 -7.77 1.83
N VAL B 26 -11.91 -9.08 1.79
CA VAL B 26 -12.03 -9.83 0.54
C VAL B 26 -13.44 -9.72 -0.01
N LYS B 27 -14.44 -9.97 0.84
CA LYS B 27 -15.83 -9.88 0.43
C LYS B 27 -16.13 -8.55 -0.26
N THR B 28 -15.63 -7.43 0.28
CA THR B 28 -15.90 -6.12 -0.30
C THR B 28 -15.17 -5.93 -1.62
N LEU B 29 -13.84 -6.17 -1.62
CA LEU B 29 -13.05 -5.94 -2.83
C LEU B 29 -13.53 -6.80 -3.99
N TRP B 30 -13.90 -8.06 -3.71
CA TRP B 30 -14.36 -8.95 -4.76
C TRP B 30 -15.60 -8.41 -5.46
N LYS B 31 -16.52 -7.82 -4.70
CA LYS B 31 -17.76 -7.30 -5.25
C LYS B 31 -17.54 -6.03 -6.06
N HIS B 32 -16.42 -5.34 -5.87
CA HIS B 32 -16.14 -4.15 -6.65
C HIS B 32 -16.07 -4.48 -8.14
N GLN B 33 -16.40 -3.49 -8.97
CA GLN B 33 -16.44 -3.76 -10.41
C GLN B 33 -15.05 -3.84 -11.03
N PHE B 34 -14.06 -3.20 -10.42
CA PHE B 34 -12.69 -3.19 -10.94
C PHE B 34 -11.88 -4.40 -10.51
N ALA B 35 -12.47 -5.36 -9.81
CA ALA B 35 -11.65 -6.37 -9.15
C ALA B 35 -11.39 -7.60 -9.98
N TRP B 36 -12.17 -7.85 -11.03
CA TRP B 36 -12.07 -9.04 -11.84
C TRP B 36 -10.65 -9.32 -12.38
N PRO B 37 -9.81 -8.33 -12.69
CA PRO B 37 -8.43 -8.68 -13.08
C PRO B 37 -7.65 -9.40 -12.02
N PHE B 38 -8.10 -9.35 -10.76
CA PHE B 38 -7.34 -9.89 -9.65
C PHE B 38 -7.96 -11.17 -9.08
N TYR B 39 -8.95 -11.76 -9.77
CA TYR B 39 -9.51 -13.02 -9.32
C TYR B 39 -8.54 -14.18 -9.54
N GLN B 40 -7.54 -14.00 -10.38
CA GLN B 40 -6.70 -15.09 -10.85
C GLN B 40 -5.32 -14.52 -11.11
N PRO B 41 -4.27 -15.33 -11.07
CA PRO B 41 -2.92 -14.81 -11.30
C PRO B 41 -2.82 -14.17 -12.68
N VAL B 42 -1.93 -13.18 -12.78
CA VAL B 42 -1.51 -12.69 -14.09
C VAL B 42 -1.00 -13.86 -14.88
N ASP B 43 -1.64 -14.13 -16.02
CA ASP B 43 -1.22 -15.23 -16.89
C ASP B 43 -0.35 -14.63 -18.00
N ALA B 44 0.97 -14.78 -17.86
CA ALA B 44 1.88 -14.16 -18.81
C ALA B 44 1.76 -14.76 -20.20
N ILE B 45 1.28 -15.99 -20.32
CA ILE B 45 1.16 -16.57 -21.65
C ILE B 45 -0.10 -16.05 -22.34
N LYS B 46 -1.23 -16.09 -21.62
CA LYS B 46 -2.49 -15.67 -22.21
C LYS B 46 -2.48 -14.17 -22.53
N LEU B 47 -1.76 -13.38 -21.73
CA LEU B 47 -1.72 -11.94 -21.92
C LEU B 47 -0.55 -11.49 -22.79
N ASN B 48 0.36 -12.41 -23.14
CA ASN B 48 1.52 -12.12 -23.99
C ASN B 48 2.48 -11.13 -23.32
N LEU B 49 2.95 -11.51 -22.13
CA LEU B 49 3.89 -10.73 -21.34
C LEU B 49 5.14 -11.58 -21.12
N PRO B 50 6.04 -11.63 -22.10
CA PRO B 50 7.19 -12.54 -21.98
C PRO B 50 8.18 -12.12 -20.92
N ASP B 51 8.08 -10.89 -20.41
CA ASP B 51 9.00 -10.40 -19.39
C ASP B 51 8.38 -10.36 -17.99
N TYR B 52 7.07 -10.61 -17.86
CA TYR B 52 6.40 -10.34 -16.58
C TYR B 52 7.09 -11.01 -15.41
N HIS B 53 7.48 -12.28 -15.59
CA HIS B 53 8.06 -13.04 -14.51
C HIS B 53 9.54 -12.76 -14.30
N LYS B 54 10.20 -12.09 -15.25
CA LYS B 54 11.51 -11.51 -14.95
C LYS B 54 11.39 -10.26 -14.09
N ILE B 55 10.32 -9.48 -14.27
CA ILE B 55 10.20 -8.21 -13.56
C ILE B 55 9.51 -8.39 -12.22
N ILE B 56 8.49 -9.22 -12.16
CA ILE B 56 7.72 -9.44 -10.94
C ILE B 56 8.18 -10.74 -10.33
N LYS B 57 8.82 -10.64 -9.17
CA LYS B 57 9.40 -11.82 -8.56
C LYS B 57 8.44 -12.59 -7.67
N ASN B 58 7.40 -11.93 -7.14
CA ASN B 58 6.46 -12.57 -6.24
C ASN B 58 5.05 -12.22 -6.70
N PRO B 59 4.54 -12.94 -7.70
CA PRO B 59 3.16 -12.72 -8.13
C PRO B 59 2.19 -12.94 -6.98
N MET B 60 1.14 -12.14 -6.94
CA MET B 60 0.06 -12.38 -5.99
C MET B 60 -1.23 -11.95 -6.65
N ASP B 61 -2.32 -12.53 -6.17
CA ASP B 61 -3.63 -12.21 -6.70
C ASP B 61 -4.67 -12.50 -5.63
N MET B 62 -5.85 -11.90 -5.79
CA MET B 62 -6.88 -12.05 -4.76
C MET B 62 -7.51 -13.45 -4.75
N GLY B 63 -7.53 -14.15 -5.87
CA GLY B 63 -7.89 -15.56 -5.82
C GLY B 63 -7.02 -16.34 -4.85
N THR B 64 -5.70 -16.17 -4.95
CA THR B 64 -4.79 -16.88 -4.04
C THR B 64 -5.04 -16.47 -2.59
N ILE B 65 -5.27 -15.17 -2.35
CA ILE B 65 -5.49 -14.69 -0.99
C ILE B 65 -6.75 -15.31 -0.40
N LYS B 66 -7.81 -15.37 -1.19
CA LYS B 66 -9.08 -15.95 -0.72
C LYS B 66 -8.89 -17.41 -0.32
N LYS B 67 -8.20 -18.19 -1.16
CA LYS B 67 -7.96 -19.59 -0.83
C LYS B 67 -7.07 -19.76 0.39
N ARG B 68 -6.04 -18.92 0.52
CA ARG B 68 -5.21 -18.96 1.71
C ARG B 68 -6.04 -18.73 2.97
N LEU B 69 -6.98 -17.80 2.91
CA LEU B 69 -7.85 -17.55 4.07
C LEU B 69 -8.74 -18.74 4.35
N GLU B 70 -9.33 -19.34 3.30
CA GLU B 70 -10.11 -20.56 3.49
C GLU B 70 -9.26 -21.69 4.06
N ASN B 71 -7.98 -21.76 3.69
CA ASN B 71 -7.11 -22.84 4.13
C ASN B 71 -6.42 -22.56 5.46
N ASN B 72 -6.67 -21.41 6.08
CA ASN B 72 -5.96 -20.98 7.29
C ASN B 72 -4.44 -21.02 7.09
N TYR B 73 -4.00 -20.62 5.90
CA TYR B 73 -2.59 -20.54 5.56
C TYR B 73 -1.86 -19.42 6.31
N TYR B 74 -2.59 -18.41 6.80
CA TYR B 74 -1.98 -17.21 7.34
C TYR B 74 -1.69 -17.35 8.83
N TRP B 75 -0.50 -16.89 9.24
CA TRP B 75 -0.20 -16.69 10.65
C TRP B 75 -1.04 -15.58 11.26
N SER B 76 -1.36 -14.54 10.49
CA SER B 76 -1.96 -13.35 11.06
C SER B 76 -2.57 -12.50 9.95
N ALA B 77 -3.38 -11.53 10.36
CA ALA B 77 -4.01 -10.66 9.37
C ALA B 77 -2.99 -9.77 8.69
N SER B 78 -1.91 -9.42 9.38
CA SER B 78 -0.93 -8.53 8.74
C SER B 78 -0.19 -9.26 7.63
N GLU B 79 0.07 -10.56 7.82
CA GLU B 79 0.59 -11.36 6.73
C GLU B 79 -0.37 -11.33 5.54
N CYS B 80 -1.67 -11.47 5.79
CA CYS B 80 -2.62 -11.37 4.70
C CYS B 80 -2.55 -10.02 4.00
N MET B 81 -2.48 -8.93 4.79
CA MET B 81 -2.38 -7.60 4.23
C MET B 81 -1.13 -7.41 3.37
N GLN B 82 -0.04 -8.11 3.71
CA GLN B 82 1.18 -8.04 2.90
C GLN B 82 0.96 -8.65 1.52
N ASP B 83 0.16 -9.71 1.43
CA ASP B 83 -0.18 -10.28 0.12
C ASP B 83 -0.96 -9.27 -0.73
N PHE B 84 -1.94 -8.58 -0.12
CA PHE B 84 -2.66 -7.54 -0.85
C PHE B 84 -1.70 -6.45 -1.31
N ASN B 85 -0.77 -6.05 -0.44
CA ASN B 85 0.20 -5.03 -0.83
C ASN B 85 1.03 -5.47 -2.03
N THR B 86 1.52 -6.71 -2.00
CA THR B 86 2.28 -7.23 -3.12
C THR B 86 1.45 -7.26 -4.39
N MET B 87 0.19 -7.69 -4.30
CA MET B 87 -0.68 -7.72 -5.47
C MET B 87 -0.75 -6.35 -6.14
N PHE B 88 -0.97 -5.30 -5.35
CA PHE B 88 -1.06 -3.94 -5.86
C PHE B 88 0.28 -3.43 -6.33
N THR B 89 1.32 -3.56 -5.50
CA THR B 89 2.64 -3.06 -5.84
C THR B 89 3.14 -3.65 -7.16
N ASN B 90 3.03 -4.98 -7.30
CA ASN B 90 3.33 -5.65 -8.57
C ASN B 90 2.67 -4.93 -9.74
N CYS B 91 1.40 -4.58 -9.57
CA CYS B 91 0.66 -3.89 -10.63
C CYS B 91 1.31 -2.55 -11.00
N TYR B 92 1.70 -1.75 -10.00
CA TYR B 92 2.33 -0.46 -10.27
C TYR B 92 3.73 -0.64 -10.85
N ILE B 93 4.47 -1.63 -10.37
CA ILE B 93 5.83 -1.84 -10.87
C ILE B 93 5.80 -2.24 -12.35
N TYR B 94 4.94 -3.21 -12.71
CA TYR B 94 5.03 -3.80 -14.04
C TYR B 94 4.42 -2.90 -15.11
N ASN B 95 3.24 -2.36 -14.85
CA ASN B 95 2.52 -1.66 -15.90
C ASN B 95 3.01 -0.21 -16.03
N LYS B 96 2.45 0.46 -16.98
CA LYS B 96 2.73 1.84 -17.36
C LYS B 96 1.83 2.77 -16.56
N PRO B 97 2.29 3.99 -16.26
CA PRO B 97 1.49 4.87 -15.38
C PRO B 97 0.05 5.11 -15.83
N THR B 98 -0.21 5.28 -17.12
CA THR B 98 -1.56 5.58 -17.57
C THR B 98 -2.33 4.33 -18.03
N ASP B 99 -1.84 3.14 -17.69
CA ASP B 99 -2.59 1.95 -18.08
C ASP B 99 -3.90 1.86 -17.28
N ASP B 100 -4.91 1.27 -17.90
CA ASP B 100 -6.19 1.14 -17.23
C ASP B 100 -6.12 0.28 -15.96
N ILE B 101 -5.10 -0.55 -15.81
CA ILE B 101 -5.06 -1.40 -14.63
C ILE B 101 -4.49 -0.66 -13.43
N VAL B 102 -3.60 0.31 -13.68
CA VAL B 102 -3.14 1.17 -12.59
C VAL B 102 -4.32 1.93 -12.00
N LEU B 103 -5.20 2.41 -12.86
CA LEU B 103 -6.33 3.18 -12.39
C LEU B 103 -7.27 2.30 -11.58
N MET B 104 -7.50 1.06 -12.03
CA MET B 104 -8.39 0.17 -11.30
C MET B 104 -7.79 -0.23 -9.96
N ALA B 105 -6.49 -0.54 -9.95
CA ALA B 105 -5.82 -0.94 -8.73
C ALA B 105 -5.91 0.14 -7.66
N GLN B 106 -5.72 1.40 -8.07
CA GLN B 106 -5.67 2.47 -7.09
C GLN B 106 -7.01 2.63 -6.40
N ALA B 107 -8.11 2.49 -7.14
CA ALA B 107 -9.43 2.54 -6.54
C ALA B 107 -9.65 1.36 -5.60
N LEU B 108 -9.15 0.18 -5.95
CA LEU B 108 -9.26 -0.96 -5.04
C LEU B 108 -8.34 -0.80 -3.83
N GLU B 109 -7.13 -0.28 -4.04
CA GLU B 109 -6.21 -0.09 -2.92
C GLU B 109 -6.74 0.93 -1.92
N LYS B 110 -7.48 1.93 -2.39
CA LYS B 110 -8.08 2.90 -1.46
C LYS B 110 -9.08 2.21 -0.55
N ILE B 111 -9.96 1.37 -1.11
CA ILE B 111 -10.91 0.61 -0.32
C ILE B 111 -10.18 -0.30 0.68
N PHE B 112 -9.18 -1.04 0.19
CA PHE B 112 -8.38 -1.91 1.05
C PHE B 112 -7.86 -1.18 2.28
N LEU B 113 -7.30 0.03 2.10
CA LEU B 113 -6.74 0.73 3.25
C LEU B 113 -7.82 1.24 4.19
N GLN B 114 -8.92 1.76 3.62
CA GLN B 114 -10.05 2.18 4.43
C GLN B 114 -10.57 1.02 5.27
N LYS B 115 -10.67 -0.18 4.69
CA LYS B 115 -11.08 -1.36 5.44
C LYS B 115 -10.05 -1.73 6.50
N VAL B 116 -8.77 -1.58 6.18
CA VAL B 116 -7.71 -1.88 7.15
C VAL B 116 -7.81 -0.91 8.32
N ALA B 117 -8.06 0.37 8.03
CA ALA B 117 -8.17 1.39 9.06
C ALA B 117 -9.25 1.04 10.10
N GLN B 118 -10.21 0.21 9.73
CA GLN B 118 -11.32 -0.17 10.62
C GLN B 118 -11.17 -1.58 11.19
N MET B 119 -10.03 -2.25 10.95
CA MET B 119 -9.83 -3.60 11.48
C MET B 119 -9.71 -3.58 13.00
N PRO B 120 -10.50 -4.39 13.71
CA PRO B 120 -10.39 -4.46 15.16
C PRO B 120 -9.07 -5.05 15.63
N GLN B 121 -8.86 -4.94 16.94
CA GLN B 121 -7.75 -5.54 17.68
C GLN B 121 -6.46 -4.80 17.40
C13 VYJ C . 24.88 14.41 1.11
C15 VYJ C . 26.08 16.19 2.58
C20 VYJ C . 29.88 15.74 3.18
C21 VYJ C . 25.55 13.29 0.25
C22 VYJ C . 24.79 13.02 -1.09
C24 VYJ C . 20.22 13.89 -1.49
C26 VYJ C . 15.85 12.08 -2.83
C28 VYJ C . 13.56 11.57 -3.05
C01 VYJ C . 18.09 16.42 0.84
C02 VYJ C . 18.68 15.07 0.42
C04 VYJ C . 18.82 13.78 -1.54
C05 VYJ C . 18.22 12.79 -2.35
C06 VYJ C . 19.06 11.92 -3.10
C07 VYJ C . 20.45 12.04 -3.04
C08 VYJ C . 21.07 13.04 -2.24
C09 VYJ C . 22.52 13.12 -2.18
C11 VYJ C . 22.76 13.12 0.34
C12 VYJ C . 23.38 14.07 1.40
C16 VYJ C . 27.61 16.43 2.38
C18 VYJ C . 28.09 14.02 2.88
C19 VYJ C . 26.56 13.74 3.04
C29 VYJ C . 13.85 10.51 -3.94
C31 VYJ C . 12.78 9.29 -5.72
C32 VYJ C . 13.81 9.42 -6.72
C33 VYJ C . 15.19 9.39 -6.41
C35 VYJ C . 15.22 10.27 -4.25
C37 VYJ C . 16.90 8.56 -4.79
C38 VYJ C . 17.09 8.19 -3.30
C39 VYJ C . 18.26 7.20 -3.25
C40 VYJ C . 18.14 6.37 -4.54
C41 VYJ C . 17.18 7.18 -5.47
C42 VYJ C . 16.13 9.51 -7.47
C43 VYJ C . 15.73 9.64 -8.79
C44 VYJ C . 14.36 9.67 -9.10
C45 VYJ C . 13.41 9.56 -8.08
C47 VYJ C . 11.75 9.34 -3.54
N10 VYJ C . 23.33 13.10 -1.01
N14 VYJ C . 25.71 14.76 2.33
N17 VYJ C . 28.42 15.46 3.18
N25 VYJ C . 16.86 12.81 -2.31
N27 VYJ C . 14.55 12.31 -2.52
N30 VYJ C . 12.82 9.76 -4.44
N34 VYJ C . 15.65 9.28 -5.10
N36 VYJ C . 16.16 11.08 -3.69
O03 VYJ C . 18.04 14.63 -0.80
O23 VYJ C . 23.08 13.21 -3.31
O46 VYJ C . 11.76 8.64 -6.06
C13 VYJ D . -14.84 -8.44 -19.42
C15 VYJ D . -17.05 -7.13 -19.30
C20 VYJ D . -18.48 -7.74 -16.75
C21 VYJ D . -14.52 -8.14 -20.93
C22 VYJ D . -13.37 -8.98 -21.57
C24 VYJ D . -9.91 -11.17 -19.33
C26 VYJ D . -6.03 -10.18 -16.61
C28 VYJ D . -4.70 -9.80 -14.70
C01 VYJ D . -9.75 -14.62 -16.81
C02 VYJ D . -10.01 -13.38 -17.67
C04 VYJ D . -8.86 -11.43 -18.43
C05 VYJ D . -7.83 -10.49 -18.28
C06 VYJ D . -7.88 -9.29 -19.03
C07 VYJ D . -8.95 -9.01 -19.87
C08 VYJ D . -9.99 -9.95 -20.05
C09 VYJ D . -11.07 -9.59 -20.94
C11 VYJ D . -12.88 -10.01 -19.36
C12 VYJ D . -13.57 -8.84 -18.64
C16 VYJ D . -17.89 -6.08 -18.54
C18 VYJ D . -16.48 -6.24 -16.56
C19 VYJ D . -15.57 -7.31 -17.24
C29 VYJ D . -4.31 -8.50 -15.17
C31 VYJ D . -2.43 -7.00 -15.01
C32 VYJ D . -2.19 -6.87 -16.42
C33 VYJ D . -3.24 -6.79 -17.37
C35 VYJ D . -4.85 -8.09 -16.40
C37 VYJ D . -5.60 -6.13 -17.72
C38 VYJ D . -6.96 -6.07 -16.97
C39 VYJ D . -7.72 -4.84 -17.50
C40 VYJ D . -6.62 -3.82 -17.81
C41 VYJ D . -5.33 -4.64 -18.05
C42 VYJ D . -2.92 -6.67 -18.76
C43 VYJ D . -1.59 -6.59 -19.21
C44 VYJ D . -0.55 -6.66 -18.28
C45 VYJ D . -0.85 -6.80 -16.90
C47 VYJ D . -3.82 -7.47 -13.05
N10 VYJ D . -12.45 -9.73 -20.71
N14 VYJ D . -15.67 -7.38 -18.74
N17 VYJ D . -17.87 -6.41 -17.07
N25 VYJ D . -6.86 -10.89 -17.40
N27 VYJ D . -5.55 -10.58 -15.41
N30 VYJ D . -3.48 -7.69 -14.44
N34 VYJ D . -4.56 -6.88 -16.98
N36 VYJ D . -5.68 -8.94 -17.06
O03 VYJ D . -8.78 -12.62 -17.74
O23 VYJ D . -10.68 -9.09 -22.02
O46 VYJ D . -1.63 -6.41 -14.24
#